data_2YGH
#
_entry.id   2YGH
#
_cell.length_a   58.460
_cell.length_b   58.460
_cell.length_c   155.260
_cell.angle_alpha   90.00
_cell.angle_beta   90.00
_cell.angle_gamma   90.00
#
_symmetry.space_group_name_H-M   'P 43 21 2'
#
loop_
_entity.id
_entity.type
_entity.pdbx_description
1 polymer 'SAM-I RIBOSWITCH'
2 non-polymer S-ADENOSYLMETHIONINE
3 non-polymer 'SODIUM ION'
4 non-polymer 'POTASSIUM ION'
5 water water
#
_entity_poly.entity_id   1
_entity_poly.type   'polyribonucleotide'
_entity_poly.pdbx_seq_one_letter_code
;GGCUUAUCAAGAGAGGUGAAGGGACUGGCCCGACGAAACCCGGCAACCAGAAAUGGUGCCAAUUCCUGCAGCGGAAACGU
UGAAAGAUGAGCCGA
;
_entity_poly.pdbx_strand_id   A
#